data_9J0V
#
_entry.id   9J0V
#
_cell.length_a   37.847
_cell.length_b   56.226
_cell.length_c   118.625
_cell.angle_alpha   90.00
_cell.angle_beta   90.00
_cell.angle_gamma   90.00
#
_symmetry.space_group_name_H-M   'P 21 21 21'
#
loop_
_entity.id
_entity.type
_entity.pdbx_description
1 polymer 'Dat: predicted D-alanine aminotransferase'
2 non-polymer DI(HYDROXYETHYL)ETHER
3 non-polymer GLYCEROL
4 water water
#
_entity_poly.entity_id   1
_entity_poly.type   'polypeptide(L)'
_entity_poly.pdbx_seq_one_letter_code
;MKREAIHNFFVANQIIKSTADMAIFDKVPATAIYEVMQVRQGIPLFFEAHLERFVMSASLVGTRIPKKEAEILHNIADLV
EKNKCDHGNVKLVSALMNEKEIFLAYFIPAEFLDSKARLEGVHTILFSGERICPNI(LLP)TIKGSFREQVKAVRESSNA
YEALLVNESGHITEGSRSNVFFMGKDNKLYTSPAGSVLKGVTRTHVMQICSRLGLEVLEKTVHTRNLADIQGAFITGTTV
DVTPVRSIGNTQLDSPNIPLIRKIVAEYEKKIAGYVSKRLKRARKVYVND
;
_entity_poly.pdbx_strand_id   A
#
loop_
_chem_comp.id
_chem_comp.type
_chem_comp.name
_chem_comp.formula
GOL non-polymer GLYCEROL 'C3 H8 O3'
PEG non-polymer DI(HYDROXYETHYL)ETHER 'C4 H10 O3'
#
# COMPACT_ATOMS: atom_id res chain seq x y z
N THR A 31 19.02 4.96 -9.19
CA THR A 31 19.33 5.76 -7.93
C THR A 31 19.06 4.86 -6.71
N ALA A 32 17.77 4.54 -6.37
CA ALA A 32 17.42 3.98 -5.03
C ALA A 32 15.99 3.38 -4.98
N ILE A 33 15.83 2.20 -4.44
CA ILE A 33 14.49 1.51 -4.30
C ILE A 33 14.30 1.13 -2.85
N TYR A 34 13.06 0.87 -2.46
CA TYR A 34 12.74 0.49 -1.08
C TYR A 34 11.58 -0.45 -1.08
N GLU A 35 11.45 -1.11 0.04
CA GLU A 35 10.37 -2.04 0.33
C GLU A 35 9.96 -1.84 1.75
N VAL A 36 8.70 -2.03 2.06
CA VAL A 36 8.17 -1.85 3.42
C VAL A 36 7.41 -3.12 3.70
N MET A 37 7.67 -3.74 4.83
CA MET A 37 6.92 -4.90 5.32
C MET A 37 6.37 -4.61 6.71
N GLN A 38 5.13 -5.01 6.90
CA GLN A 38 4.39 -4.96 8.18
C GLN A 38 4.82 -6.17 8.99
N VAL A 39 5.17 -5.91 10.24
CA VAL A 39 5.56 -6.99 11.19
C VAL A 39 4.41 -7.12 12.19
N ARG A 40 3.84 -8.32 12.31
CA ARG A 40 2.78 -8.69 13.28
C ARG A 40 3.26 -9.93 14.08
N GLN A 41 3.30 -9.83 15.41
CA GLN A 41 3.78 -10.93 16.33
C GLN A 41 5.16 -11.43 15.86
N GLY A 42 6.02 -10.48 15.49
CA GLY A 42 7.41 -10.69 15.04
C GLY A 42 7.52 -11.36 13.70
N ILE A 43 6.43 -11.46 12.94
CA ILE A 43 6.41 -12.12 11.59
C ILE A 43 6.37 -10.99 10.55
N PRO A 44 7.34 -10.89 9.61
CA PRO A 44 7.16 -10.06 8.42
C PRO A 44 6.08 -10.63 7.48
N LEU A 45 5.01 -9.86 7.26
CA LEU A 45 3.84 -10.29 6.48
C LEU A 45 4.20 -10.33 4.99
N PHE A 46 3.92 -11.45 4.34
CA PHE A 46 4.07 -11.72 2.90
C PHE A 46 5.51 -11.42 2.47
N PHE A 47 6.46 -11.94 3.23
CA PHE A 47 7.90 -11.64 3.10
C PHE A 47 8.37 -12.06 1.71
N GLU A 48 7.88 -13.22 1.25
CA GLU A 48 8.32 -13.80 -0.04
C GLU A 48 7.83 -12.86 -1.15
N ALA A 49 6.58 -12.36 -1.07
CA ALA A 49 6.05 -11.47 -2.12
C ALA A 49 6.89 -10.17 -2.12
N HIS A 50 7.18 -9.58 -0.95
CA HIS A 50 7.95 -8.32 -0.88
C HIS A 50 9.38 -8.53 -1.33
N LEU A 51 9.98 -9.66 -0.92
CA LEU A 51 11.40 -9.91 -1.29
C LEU A 51 11.48 -10.10 -2.81
N GLU A 52 10.51 -10.79 -3.42
CA GLU A 52 10.52 -11.13 -4.86
C GLU A 52 10.47 -9.80 -5.65
N ARG A 53 9.59 -8.89 -5.22
CA ARG A 53 9.49 -7.56 -5.86
C ARG A 53 10.82 -6.80 -5.69
N PHE A 54 11.35 -6.75 -4.48
CA PHE A 54 12.56 -5.94 -4.17
C PHE A 54 13.72 -6.46 -5.03
N VAL A 55 13.88 -7.81 -5.05
CA VAL A 55 15.01 -8.49 -5.77
C VAL A 55 14.89 -8.19 -7.27
N MET A 56 13.69 -8.27 -7.83
CA MET A 56 13.42 -8.05 -9.27
C MET A 56 13.67 -6.60 -9.62
N SER A 57 13.24 -5.63 -8.80
CA SER A 57 13.48 -4.19 -9.07
C SER A 57 14.99 -3.88 -9.06
N ALA A 58 15.69 -4.47 -8.09
CA ALA A 58 17.15 -4.32 -7.90
C ALA A 58 17.84 -4.75 -9.21
N SER A 59 17.48 -5.92 -9.71
CA SER A 59 17.98 -6.44 -11.01
C SER A 59 17.73 -5.44 -12.11
N LEU A 60 16.53 -4.89 -12.15
CA LEU A 60 16.22 -3.93 -13.22
C LEU A 60 16.98 -2.61 -13.10
N VAL A 61 17.17 -2.07 -11.89
CA VAL A 61 17.81 -0.73 -11.71
C VAL A 61 19.33 -0.94 -11.59
N GLY A 62 19.74 -2.20 -11.50
CA GLY A 62 21.10 -2.68 -11.81
C GLY A 62 21.94 -2.79 -10.55
N THR A 63 21.33 -3.11 -9.41
CA THR A 63 22.03 -3.32 -8.12
C THR A 63 21.39 -4.50 -7.41
N ARG A 64 21.81 -5.74 -7.70
CA ARG A 64 21.66 -6.91 -6.78
C ARG A 64 21.82 -6.47 -5.31
N ILE A 65 20.99 -7.06 -4.45
CA ILE A 65 21.10 -7.00 -2.97
C ILE A 65 22.14 -8.02 -2.54
N PRO A 66 23.21 -7.62 -1.77
CA PRO A 66 24.11 -8.56 -1.11
C PRO A 66 23.49 -9.82 -0.46
N LYS A 67 22.42 -9.64 0.32
CA LYS A 67 21.97 -10.64 1.33
C LYS A 67 20.94 -11.62 0.74
N LYS A 68 21.06 -12.92 1.07
CA LYS A 68 20.04 -13.95 0.76
C LYS A 68 18.76 -13.65 1.56
N GLU A 69 17.64 -14.30 1.19
CA GLU A 69 16.34 -14.33 1.93
C GLU A 69 16.59 -14.63 3.41
N ALA A 70 17.27 -15.75 3.68
CA ALA A 70 17.66 -16.23 5.03
C ALA A 70 18.33 -15.09 5.82
N GLU A 71 19.24 -14.37 5.19
CA GLU A 71 20.08 -13.37 5.90
C GLU A 71 19.20 -12.15 6.18
N ILE A 72 18.43 -11.71 5.18
CA ILE A 72 17.47 -10.56 5.31
C ILE A 72 16.49 -10.90 6.43
N LEU A 73 15.86 -12.08 6.35
CA LEU A 73 14.90 -12.52 7.41
C LEU A 73 15.61 -12.47 8.79
N HIS A 74 16.93 -12.78 8.84
CA HIS A 74 17.76 -12.72 10.07
C HIS A 74 17.99 -11.27 10.49
N ASN A 75 18.31 -10.36 9.56
CA ASN A 75 18.45 -8.90 9.91
C ASN A 75 17.16 -8.34 10.52
N ILE A 76 15.98 -8.75 10.03
CA ILE A 76 14.65 -8.29 10.55
C ILE A 76 14.44 -8.85 11.95
N ALA A 77 14.69 -10.16 12.15
CA ALA A 77 14.65 -10.81 13.51
C ALA A 77 15.56 -10.06 14.48
N ASP A 78 16.74 -9.62 14.05
CA ASP A 78 17.71 -8.88 14.91
C ASP A 78 17.17 -7.48 15.23
N LEU A 79 16.49 -6.79 14.30
CA LEU A 79 15.81 -5.50 14.59
C LEU A 79 14.57 -5.71 15.48
N VAL A 80 13.82 -6.82 15.27
CA VAL A 80 12.64 -7.21 16.10
C VAL A 80 13.13 -7.40 17.54
N GLU A 81 14.13 -8.27 17.75
CA GLU A 81 14.77 -8.57 19.07
C GLU A 81 15.31 -7.26 19.70
N LYS A 82 16.13 -6.49 18.96
CA LYS A 82 16.86 -5.26 19.42
C LYS A 82 15.90 -4.08 19.68
N ASN A 83 15.04 -3.72 18.73
CA ASN A 83 14.03 -2.62 18.87
C ASN A 83 12.86 -3.02 19.81
N LYS A 84 12.78 -4.28 20.29
CA LYS A 84 11.93 -4.74 21.44
C LYS A 84 10.46 -4.96 21.04
N CYS A 85 9.77 -4.01 20.39
CA CYS A 85 8.32 -4.13 20.00
C CYS A 85 8.14 -5.25 18.96
N ASP A 86 6.94 -5.86 18.94
CA ASP A 86 6.62 -7.04 18.09
C ASP A 86 5.80 -6.64 16.85
N HIS A 87 5.31 -5.39 16.77
CA HIS A 87 4.51 -4.87 15.63
C HIS A 87 5.08 -3.53 15.16
N GLY A 88 5.04 -3.33 13.84
CA GLY A 88 5.52 -2.10 13.24
C GLY A 88 5.85 -2.32 11.80
N ASN A 89 6.57 -1.38 11.21
CA ASN A 89 6.89 -1.44 9.77
C ASN A 89 8.41 -1.38 9.63
N VAL A 90 8.95 -2.34 8.90
CA VAL A 90 10.39 -2.37 8.52
C VAL A 90 10.52 -1.97 7.06
N LYS A 91 11.50 -1.11 6.81
CA LYS A 91 11.85 -0.56 5.50
C LYS A 91 13.19 -1.12 5.08
N LEU A 92 13.26 -1.69 3.88
CA LEU A 92 14.55 -2.06 3.26
C LEU A 92 14.84 -1.07 2.16
N VAL A 93 16.11 -0.72 2.00
CA VAL A 93 16.58 0.28 1.02
C VAL A 93 17.73 -0.37 0.29
N SER A 94 17.74 -0.25 -1.04
CA SER A 94 18.87 -0.69 -1.87
C SER A 94 19.22 0.45 -2.79
N ALA A 95 20.45 0.89 -2.77
CA ALA A 95 20.85 2.04 -3.60
C ALA A 95 22.29 1.82 -4.04
N LEU A 96 22.67 2.66 -4.96
CA LEU A 96 24.05 2.94 -5.40
C LEU A 96 24.25 4.41 -5.06
N MET A 97 25.23 4.75 -4.22
CA MET A 97 25.53 6.15 -3.80
C MET A 97 27.01 6.44 -4.09
N ASN A 98 27.33 7.56 -4.76
CA ASN A 98 28.69 7.89 -5.29
C ASN A 98 29.28 6.57 -5.86
N GLU A 99 28.50 5.95 -6.76
CA GLU A 99 28.78 4.72 -7.57
C GLU A 99 29.07 3.46 -6.72
N LYS A 100 28.68 3.36 -5.42
CA LYS A 100 28.77 2.09 -4.62
C LYS A 100 27.43 1.72 -3.93
N GLU A 101 27.28 0.42 -3.67
CA GLU A 101 26.07 -0.37 -3.37
C GLU A 101 25.81 -0.31 -1.87
N ILE A 102 24.56 -0.02 -1.44
CA ILE A 102 24.15 0.15 -0.01
C ILE A 102 22.87 -0.64 0.22
N PHE A 103 22.81 -1.38 1.31
CA PHE A 103 21.63 -2.07 1.83
C PHE A 103 21.32 -1.61 3.27
N LEU A 104 20.13 -1.04 3.50
CA LEU A 104 19.66 -0.64 4.85
C LEU A 104 18.38 -1.37 5.17
N ALA A 105 18.23 -1.66 6.44
CA ALA A 105 17.01 -2.20 7.04
C ALA A 105 16.75 -1.40 8.31
N TYR A 106 15.55 -0.86 8.52
CA TYR A 106 15.24 -0.10 9.76
C TYR A 106 13.73 -0.06 9.94
N PHE A 107 13.28 0.00 11.19
CA PHE A 107 11.88 0.34 11.52
C PHE A 107 11.60 1.78 11.14
N ILE A 108 10.37 2.00 10.70
CA ILE A 108 9.85 3.38 10.43
C ILE A 108 8.64 3.58 11.32
N PRO A 109 8.25 4.83 11.57
CA PRO A 109 7.00 5.12 12.29
C PRO A 109 5.78 4.47 11.61
N ALA A 110 4.95 3.80 12.40
CA ALA A 110 3.74 3.08 11.97
C ALA A 110 2.52 3.92 12.38
N GLU A 111 1.66 4.25 11.43
CA GLU A 111 0.31 4.80 11.68
C GLU A 111 -0.68 3.63 11.68
N PHE A 112 -0.65 2.82 12.74
CA PHE A 112 -1.66 1.76 13.05
C PHE A 112 -3.02 2.46 13.30
N LEU A 113 -4.07 2.06 12.58
CA LEU A 113 -5.45 2.60 12.82
C LEU A 113 -6.07 1.82 13.98
N ASP A 114 -6.64 2.55 14.93
CA ASP A 114 -7.41 1.90 16.04
C ASP A 114 -8.76 1.38 15.50
N SER A 115 -9.32 0.48 16.31
CA SER A 115 -10.73 0.00 16.39
C SER A 115 -11.71 0.91 15.62
N LYS A 116 -11.85 2.13 16.11
CA LYS A 116 -12.90 3.09 15.75
C LYS A 116 -12.57 3.67 14.38
N ALA A 117 -11.31 4.05 14.13
CA ALA A 117 -10.87 4.51 12.79
C ALA A 117 -11.10 3.40 11.72
N ARG A 118 -10.83 2.13 12.03
CA ARG A 118 -11.12 1.00 11.09
C ARG A 118 -12.62 0.95 10.80
N LEU A 119 -13.48 1.17 11.81
CA LEU A 119 -14.95 1.14 11.61
C LEU A 119 -15.40 2.34 10.78
N GLU A 120 -14.97 3.57 11.14
CA GLU A 120 -15.56 4.78 10.53
C GLU A 120 -14.94 5.01 9.14
N GLY A 121 -13.79 4.42 8.89
CA GLY A 121 -13.04 4.65 7.64
C GLY A 121 -12.29 5.96 7.72
N VAL A 122 -11.67 6.37 6.61
CA VAL A 122 -10.72 7.51 6.71
C VAL A 122 -11.01 8.59 5.67
N HIS A 123 -10.48 9.75 6.03
CA HIS A 123 -10.48 10.94 5.18
C HIS A 123 -9.28 10.84 4.27
N THR A 124 -9.51 11.20 3.01
CA THR A 124 -8.44 11.27 2.02
C THR A 124 -8.57 12.60 1.28
N ILE A 125 -7.47 13.02 0.70
CA ILE A 125 -7.46 14.27 -0.13
C ILE A 125 -6.88 13.94 -1.47
N LEU A 126 -7.03 14.83 -2.44
CA LEU A 126 -6.38 14.70 -3.75
C LEU A 126 -5.13 15.57 -3.75
N PHE A 127 -4.12 15.12 -4.43
CA PHE A 127 -2.85 15.81 -4.60
C PHE A 127 -2.38 15.64 -6.01
N SER A 128 -1.89 16.72 -6.66
CA SER A 128 -1.39 16.59 -8.07
C SER A 128 -0.03 16.03 -8.06
N GLY A 129 0.19 14.94 -8.77
CA GLY A 129 1.53 14.47 -9.00
C GLY A 129 1.50 13.21 -9.81
N GLU A 130 2.64 12.90 -10.38
CA GLU A 130 2.84 11.62 -11.06
C GLU A 130 4.09 10.97 -10.57
N ARG A 131 4.06 9.69 -10.44
CA ARG A 131 5.30 8.97 -10.15
C ARG A 131 5.98 8.60 -11.46
N ILE A 132 7.20 9.04 -11.65
CA ILE A 132 8.12 8.50 -12.70
C ILE A 132 8.48 7.06 -12.30
N CYS A 133 8.36 6.19 -13.30
CA CYS A 133 8.64 4.75 -13.25
C CYS A 133 7.74 4.10 -12.19
N PRO A 134 6.40 4.22 -12.36
CA PRO A 134 5.45 3.84 -11.30
C PRO A 134 5.40 2.38 -10.91
N ASN A 135 5.85 1.47 -11.78
CA ASN A 135 5.97 0.05 -11.49
C ASN A 135 7.06 -0.31 -10.49
N ILE A 136 7.98 0.58 -10.17
CA ILE A 136 9.08 0.24 -9.24
C ILE A 136 8.95 1.17 -8.00
N1 LLP A 137 1.34 2.61 -4.13
C2 LLP A 137 2.52 3.18 -3.92
C2' LLP A 137 2.81 4.46 -4.64
C3 LLP A 137 3.46 2.66 -2.98
O3 LLP A 137 4.65 3.29 -2.82
C4 LLP A 137 3.21 1.47 -2.30
C4' LLP A 137 4.25 0.87 -1.44
C5 LLP A 137 1.91 0.94 -2.47
C6 LLP A 137 1.07 1.49 -3.40
C5' LLP A 137 1.47 -0.30 -1.72
OP4 LLP A 137 2.10 -1.52 -2.13
P LLP A 137 2.00 -2.78 -1.08
OP1 LLP A 137 2.50 -2.31 0.28
OP2 LLP A 137 0.54 -3.20 -1.01
OP3 LLP A 137 2.96 -3.69 -1.77
N LLP A 137 9.23 0.63 -6.84
CA LLP A 137 9.08 1.38 -5.55
CB LLP A 137 8.64 0.41 -4.45
CG LLP A 137 7.91 1.01 -3.25
CD LLP A 137 7.38 -0.05 -2.33
CE LLP A 137 6.62 0.42 -1.11
NZ LLP A 137 5.50 1.32 -1.41
C LLP A 137 10.37 2.18 -5.34
O LLP A 137 11.24 1.74 -4.59
N THR A 138 10.48 3.27 -6.05
CA THR A 138 11.69 4.14 -6.00
C THR A 138 11.55 5.13 -4.86
N ILE A 139 12.66 5.46 -4.21
CA ILE A 139 12.66 6.59 -3.24
C ILE A 139 12.19 7.87 -3.96
N LYS A 140 12.69 8.16 -5.16
CA LYS A 140 12.30 9.37 -5.91
C LYS A 140 10.78 9.39 -6.23
N GLY A 141 10.16 8.22 -6.41
CA GLY A 141 8.70 8.09 -6.66
C GLY A 141 7.82 8.17 -5.41
N SER A 142 8.39 8.28 -4.21
CA SER A 142 7.64 8.37 -2.95
C SER A 142 7.12 9.80 -2.77
N PHE A 143 5.79 9.97 -2.71
CA PHE A 143 5.18 11.26 -2.35
C PHE A 143 5.07 11.44 -0.81
N ARG A 144 5.55 10.52 0.03
CA ARG A 144 5.36 10.62 1.51
C ARG A 144 5.66 12.02 2.04
N GLU A 145 6.86 12.52 1.75
CA GLU A 145 7.37 13.81 2.27
C GLU A 145 6.55 14.93 1.66
N GLN A 146 6.25 14.86 0.36
CA GLN A 146 5.53 15.93 -0.33
C GLN A 146 4.14 16.14 0.25
N VAL A 147 3.45 15.06 0.65
CA VAL A 147 2.01 15.17 1.01
C VAL A 147 1.87 15.29 2.54
N LYS A 148 2.97 15.29 3.30
CA LYS A 148 2.85 15.19 4.78
C LYS A 148 2.11 16.38 5.36
N ALA A 149 2.46 17.58 4.94
CA ALA A 149 1.83 18.79 5.53
C ALA A 149 0.35 18.89 5.15
N VAL A 150 -0.01 18.61 3.90
CA VAL A 150 -1.46 18.65 3.54
C VAL A 150 -2.22 17.54 4.27
N ARG A 151 -1.62 16.35 4.45
CA ARG A 151 -2.28 15.27 5.23
C ARG A 151 -2.52 15.75 6.68
N GLU A 152 -1.49 16.26 7.32
CA GLU A 152 -1.55 16.71 8.74
C GLU A 152 -2.62 17.79 8.89
N SER A 153 -2.63 18.79 7.99
CA SER A 153 -3.62 19.90 8.02
C SER A 153 -5.04 19.41 7.86
N SER A 154 -5.30 18.44 6.96
CA SER A 154 -6.66 18.00 6.60
C SER A 154 -7.10 16.80 7.48
N ASN A 155 -6.23 16.25 8.33
CA ASN A 155 -6.45 14.94 9.06
C ASN A 155 -6.75 13.81 8.07
N ALA A 156 -6.06 13.79 6.95
CA ALA A 156 -6.25 12.77 5.91
C ALA A 156 -5.25 11.67 6.17
N TYR A 157 -5.71 10.43 6.13
CA TYR A 157 -4.88 9.24 6.28
C TYR A 157 -4.10 8.97 5.01
N GLU A 158 -4.59 9.44 3.87
CA GLU A 158 -3.88 9.24 2.63
C GLU A 158 -4.17 10.42 1.67
N ALA A 159 -3.22 10.66 0.82
CA ALA A 159 -3.38 11.56 -0.35
C ALA A 159 -3.44 10.71 -1.60
N LEU A 160 -4.48 10.94 -2.43
CA LEU A 160 -4.61 10.20 -3.72
C LEU A 160 -3.97 11.08 -4.83
N LEU A 161 -3.11 10.50 -5.57
CA LEU A 161 -2.30 11.23 -6.57
C LEU A 161 -3.14 11.34 -7.85
N VAL A 162 -3.10 12.52 -8.46
CA VAL A 162 -3.93 12.85 -9.64
C VAL A 162 -2.92 13.27 -10.70
N ASN A 163 -2.95 12.66 -11.85
CA ASN A 163 -1.91 12.90 -12.87
C ASN A 163 -2.37 14.09 -13.73
N GLU A 164 -1.50 14.47 -14.68
CA GLU A 164 -1.62 15.63 -15.59
C GLU A 164 -2.95 15.50 -16.32
N SER A 165 -3.45 14.29 -16.58
CA SER A 165 -4.74 14.17 -17.31
C SER A 165 -5.94 14.07 -16.38
N GLY A 166 -5.78 14.26 -15.07
CA GLY A 166 -6.89 14.26 -14.09
C GLY A 166 -7.26 12.86 -13.63
N HIS A 167 -6.45 11.83 -13.91
CA HIS A 167 -6.80 10.46 -13.47
C HIS A 167 -6.29 10.30 -12.02
N ILE A 168 -7.12 9.74 -11.14
CA ILE A 168 -6.70 9.34 -9.76
C ILE A 168 -6.01 7.96 -9.89
N THR A 169 -4.77 7.82 -9.57
CA THR A 169 -4.00 6.61 -9.92
C THR A 169 -3.94 5.76 -8.64
N GLU A 170 -3.30 6.33 -7.62
CA GLU A 170 -2.98 5.57 -6.37
C GLU A 170 -2.81 6.57 -5.24
N GLY A 171 -2.71 6.02 -4.03
CA GLY A 171 -2.21 6.83 -2.91
C GLY A 171 -0.71 7.01 -2.92
N SER A 172 -0.25 7.86 -1.99
CA SER A 172 1.18 8.03 -1.67
C SER A 172 1.80 6.70 -1.24
N ARG A 173 1.09 5.82 -0.55
CA ARG A 173 1.67 4.54 -0.07
C ARG A 173 0.63 3.43 -0.22
N SER A 174 -0.31 3.59 -1.15
CA SER A 174 -1.45 2.64 -1.24
C SER A 174 -1.95 2.59 -2.65
N ASN A 175 -2.58 1.52 -2.98
CA ASN A 175 -3.49 1.44 -4.14
C ASN A 175 -4.88 1.85 -3.71
N VAL A 176 -5.69 2.28 -4.67
CA VAL A 176 -7.07 2.70 -4.43
C VAL A 176 -8.01 1.96 -5.40
N PHE A 177 -9.09 1.48 -4.82
CA PHE A 177 -10.24 0.86 -5.50
C PHE A 177 -11.46 1.74 -5.31
N PHE A 178 -12.29 1.84 -6.35
CA PHE A 178 -13.53 2.62 -6.35
C PHE A 178 -14.71 1.65 -6.58
N MET A 179 -15.82 1.92 -5.87
CA MET A 179 -17.09 1.28 -6.15
C MET A 179 -18.06 2.30 -6.79
N GLY A 180 -18.41 2.01 -8.03
CA GLY A 180 -19.31 2.89 -8.78
C GLY A 180 -20.71 2.84 -8.20
N LYS A 181 -21.53 3.86 -8.47
CA LYS A 181 -22.99 3.79 -8.21
C LYS A 181 -23.60 2.63 -9.02
N ASP A 182 -22.92 2.11 -10.05
CA ASP A 182 -23.29 0.85 -10.75
C ASP A 182 -22.97 -0.44 -9.97
N ASN A 183 -22.48 -0.34 -8.72
CA ASN A 183 -22.05 -1.50 -7.90
C ASN A 183 -20.85 -2.25 -8.48
N LYS A 184 -20.06 -1.68 -9.37
CA LYS A 184 -18.90 -2.43 -9.92
C LYS A 184 -17.63 -1.82 -9.31
N LEU A 185 -16.58 -2.63 -9.13
CA LEU A 185 -15.27 -2.19 -8.61
C LEU A 185 -14.38 -1.78 -9.75
N TYR A 186 -13.69 -0.68 -9.57
CA TYR A 186 -12.72 -0.13 -10.53
C TYR A 186 -11.40 0.11 -9.82
N THR A 187 -10.28 -0.12 -10.48
CA THR A 187 -8.98 0.39 -9.97
C THR A 187 -8.15 0.74 -11.18
N SER A 188 -7.16 1.58 -10.96
CA SER A 188 -6.27 2.04 -12.03
C SER A 188 -5.53 0.83 -12.57
N PRO A 189 -5.32 0.75 -13.90
CA PRO A 189 -4.62 -0.41 -14.46
C PRO A 189 -3.20 -0.53 -13.92
N ALA A 190 -2.73 -1.75 -13.79
CA ALA A 190 -1.44 -2.12 -13.15
C ALA A 190 -0.26 -1.38 -13.77
N GLY A 191 -0.27 -1.03 -15.07
CA GLY A 191 0.85 -0.26 -15.65
C GLY A 191 0.99 1.17 -15.15
N SER A 192 -0.04 1.79 -14.59
CA SER A 192 -0.06 3.21 -14.23
C SER A 192 0.30 3.40 -12.74
N VAL A 193 0.45 2.31 -11.97
CA VAL A 193 0.62 2.38 -10.50
C VAL A 193 1.72 1.41 -10.06
N LEU A 194 2.06 1.48 -8.79
CA LEU A 194 2.76 0.34 -8.18
C LEU A 194 1.81 -0.82 -8.03
N LYS A 195 2.19 -2.00 -8.53
CA LYS A 195 1.36 -3.20 -8.36
C LYS A 195 1.59 -3.71 -6.95
N GLY A 196 0.84 -3.16 -6.02
CA GLY A 196 0.99 -3.49 -4.60
C GLY A 196 0.80 -4.97 -4.30
N VAL A 197 1.52 -5.46 -3.29
CA VAL A 197 1.27 -6.83 -2.75
C VAL A 197 -0.17 -6.90 -2.28
N THR A 198 -0.62 -5.84 -1.59
CA THR A 198 -1.99 -5.78 -1.02
C THR A 198 -3.02 -5.73 -2.15
N ARG A 199 -2.81 -4.92 -3.18
CA ARG A 199 -3.67 -4.85 -4.34
C ARG A 199 -3.81 -6.28 -4.91
N THR A 200 -2.70 -7.01 -4.96
CA THR A 200 -2.64 -8.38 -5.56
C THR A 200 -3.49 -9.31 -4.69
N HIS A 201 -3.34 -9.24 -3.37
CA HIS A 201 -4.17 -10.02 -2.42
C HIS A 201 -5.65 -9.69 -2.62
N VAL A 202 -6.00 -8.41 -2.80
CA VAL A 202 -7.41 -8.02 -2.94
C VAL A 202 -7.93 -8.55 -4.26
N MET A 203 -7.13 -8.48 -5.31
CA MET A 203 -7.58 -8.99 -6.63
C MET A 203 -7.87 -10.50 -6.51
N GLN A 204 -7.00 -11.21 -5.80
CA GLN A 204 -7.18 -12.67 -5.56
C GLN A 204 -8.42 -12.93 -4.71
N ILE A 205 -8.67 -12.14 -3.66
CA ILE A 205 -9.95 -12.24 -2.90
C ILE A 205 -11.14 -12.03 -3.81
N CYS A 206 -11.16 -10.96 -4.59
CA CYS A 206 -12.30 -10.65 -5.45
C CYS A 206 -12.54 -11.80 -6.44
N SER A 207 -11.49 -12.29 -7.06
CA SER A 207 -11.49 -13.40 -8.02
C SER A 207 -12.17 -14.64 -7.38
N ARG A 208 -11.70 -15.00 -6.19
CA ARG A 208 -12.11 -16.19 -5.39
C ARG A 208 -13.58 -16.01 -5.03
N LEU A 209 -14.03 -14.76 -4.82
CA LEU A 209 -15.44 -14.42 -4.43
C LEU A 209 -16.35 -14.11 -5.66
N GLY A 210 -15.86 -14.14 -6.90
CA GLY A 210 -16.68 -13.79 -8.07
C GLY A 210 -16.97 -12.30 -8.20
N LEU A 211 -16.21 -11.42 -7.54
CA LEU A 211 -16.36 -9.97 -7.65
C LEU A 211 -15.51 -9.50 -8.83
N GLU A 212 -16.12 -8.85 -9.82
CA GLU A 212 -15.43 -8.27 -10.99
C GLU A 212 -14.67 -7.03 -10.53
N VAL A 213 -13.46 -6.87 -11.05
CA VAL A 213 -12.69 -5.61 -10.87
C VAL A 213 -12.35 -5.16 -12.27
N LEU A 214 -12.85 -4.00 -12.66
CA LEU A 214 -12.47 -3.39 -13.94
C LEU A 214 -11.18 -2.57 -13.69
N GLU A 215 -10.14 -2.83 -14.46
CA GLU A 215 -8.90 -2.02 -14.50
C GLU A 215 -9.08 -0.90 -15.50
N LYS A 216 -9.57 0.21 -15.04
CA LYS A 216 -9.82 1.41 -15.87
C LYS A 216 -9.27 2.64 -15.11
N THR A 217 -8.64 3.51 -15.88
CA THR A 217 -8.38 4.95 -15.55
C THR A 217 -9.65 5.54 -14.87
N VAL A 218 -9.55 6.09 -13.68
CA VAL A 218 -10.71 6.75 -12.99
C VAL A 218 -10.40 8.25 -12.91
N HIS A 219 -11.33 9.13 -13.20
CA HIS A 219 -11.00 10.55 -13.45
C HIS A 219 -11.57 11.26 -12.27
N THR A 220 -11.06 12.45 -11.93
CA THR A 220 -11.66 13.19 -10.82
C THR A 220 -13.14 13.50 -11.11
N ARG A 221 -13.50 13.59 -12.40
CA ARG A 221 -14.90 13.67 -12.84
C ARG A 221 -15.74 12.50 -12.30
N ASN A 222 -15.17 11.30 -12.28
CA ASN A 222 -15.88 10.10 -11.75
C ASN A 222 -16.23 10.17 -10.26
N LEU A 223 -15.65 11.10 -9.48
CA LEU A 223 -15.97 11.19 -8.02
C LEU A 223 -17.46 11.48 -7.78
N ALA A 224 -18.18 12.11 -8.70
CA ALA A 224 -19.66 12.21 -8.68
C ALA A 224 -20.41 10.87 -8.86
N ASP A 225 -19.83 9.86 -9.52
CA ASP A 225 -20.45 8.60 -9.97
C ASP A 225 -20.00 7.43 -9.04
N ILE A 226 -19.34 7.70 -7.91
CA ILE A 226 -18.89 6.55 -7.06
C ILE A 226 -19.73 6.57 -5.79
N GLN A 227 -19.90 5.42 -5.18
CA GLN A 227 -20.55 5.31 -3.83
C GLN A 227 -19.51 4.93 -2.76
N GLY A 228 -18.39 4.34 -3.14
CA GLY A 228 -17.36 3.92 -2.14
C GLY A 228 -15.97 3.83 -2.72
N ALA A 229 -15.01 3.68 -1.83
CA ALA A 229 -13.60 3.50 -2.14
C ALA A 229 -12.92 2.87 -0.95
N PHE A 230 -11.82 2.21 -1.22
CA PHE A 230 -10.93 1.72 -0.16
C PHE A 230 -9.51 1.80 -0.69
N ILE A 231 -8.58 1.95 0.23
CA ILE A 231 -7.15 1.89 -0.09
C ILE A 231 -6.53 0.61 0.47
N THR A 232 -5.45 0.22 -0.16
CA THR A 232 -4.78 -1.06 0.11
C THR A 232 -3.29 -0.80 0.20
N GLY A 233 -2.59 -1.46 1.12
CA GLY A 233 -1.15 -1.32 1.20
C GLY A 233 -0.62 -1.91 2.48
N THR A 234 0.63 -2.22 2.44
CA THR A 234 1.35 -2.79 3.60
C THR A 234 1.10 -1.98 4.85
N THR A 235 1.10 -0.64 4.78
CA THR A 235 0.94 0.22 6.00
C THR A 235 -0.50 0.59 6.31
N VAL A 236 -1.49 0.19 5.47
CA VAL A 236 -2.89 0.62 5.67
C VAL A 236 -3.84 -0.62 5.65
N ASP A 237 -3.34 -1.86 5.49
CA ASP A 237 -4.15 -3.07 5.20
C ASP A 237 -5.18 -2.71 4.11
N VAL A 238 -6.45 -3.00 4.31
CA VAL A 238 -7.58 -2.55 3.44
C VAL A 238 -8.42 -1.65 4.30
N THR A 239 -8.49 -0.39 3.93
CA THR A 239 -9.10 0.65 4.75
C THR A 239 -10.17 1.34 3.90
N PRO A 240 -11.44 1.28 4.32
CA PRO A 240 -12.53 1.99 3.66
C PRO A 240 -12.40 3.50 3.81
N VAL A 241 -12.74 4.18 2.73
CA VAL A 241 -12.58 5.66 2.64
C VAL A 241 -13.94 6.31 2.90
N ARG A 242 -14.00 7.15 3.91
CA ARG A 242 -15.25 7.86 4.29
C ARG A 242 -15.45 9.14 3.45
N SER A 243 -14.35 9.69 2.93
CA SER A 243 -14.40 10.95 2.17
C SER A 243 -13.14 11.15 1.31
N ILE A 244 -13.31 11.77 0.17
CA ILE A 244 -12.26 12.23 -0.75
C ILE A 244 -12.50 13.73 -0.85
N GLY A 245 -11.70 14.51 -0.18
CA GLY A 245 -11.96 15.96 -0.03
C GLY A 245 -13.35 16.11 0.56
N ASN A 246 -14.22 16.88 -0.09
CA ASN A 246 -15.56 17.14 0.50
C ASN A 246 -16.54 16.13 -0.11
N THR A 247 -16.13 15.16 -0.92
CA THR A 247 -17.04 14.06 -1.36
C THR A 247 -17.11 13.02 -0.25
N GLN A 248 -18.25 12.91 0.38
CA GLN A 248 -18.59 11.89 1.40
C GLN A 248 -18.90 10.60 0.69
N LEU A 249 -18.41 9.48 1.25
CA LEU A 249 -18.73 8.16 0.68
C LEU A 249 -19.33 7.28 1.79
N ASP A 250 -20.01 6.26 1.40
CA ASP A 250 -20.68 5.35 2.37
C ASP A 250 -19.85 4.07 2.55
N SER A 251 -18.58 4.06 2.08
CA SER A 251 -17.69 2.89 2.00
C SER A 251 -17.71 2.01 3.24
N PRO A 252 -17.65 2.57 4.48
CA PRO A 252 -17.57 1.72 5.68
C PRO A 252 -18.84 0.91 5.96
N ASN A 253 -19.94 1.24 5.31
CA ASN A 253 -21.26 0.53 5.46
C ASN A 253 -21.50 -0.37 4.26
N ILE A 254 -20.63 -0.45 3.22
CA ILE A 254 -20.95 -1.23 1.99
C ILE A 254 -20.58 -2.68 2.24
N PRO A 255 -21.51 -3.65 2.16
CA PRO A 255 -21.17 -5.06 2.44
C PRO A 255 -19.93 -5.63 1.76
N LEU A 256 -19.80 -5.41 0.44
CA LEU A 256 -18.69 -5.99 -0.36
C LEU A 256 -17.34 -5.42 0.18
N ILE A 257 -17.27 -4.15 0.54
CA ILE A 257 -15.99 -3.56 1.10
C ILE A 257 -15.73 -4.21 2.46
N ARG A 258 -16.79 -4.34 3.30
CA ARG A 258 -16.63 -5.02 4.63
C ARG A 258 -16.11 -6.44 4.41
N LYS A 259 -16.65 -7.10 3.39
CA LYS A 259 -16.26 -8.49 3.07
C LYS A 259 -14.80 -8.54 2.65
N ILE A 260 -14.35 -7.63 1.77
CA ILE A 260 -12.91 -7.64 1.34
C ILE A 260 -12.00 -7.41 2.56
N VAL A 261 -12.36 -6.48 3.47
CA VAL A 261 -11.61 -6.19 4.71
C VAL A 261 -11.51 -7.48 5.52
N ALA A 262 -12.64 -8.18 5.67
CA ALA A 262 -12.70 -9.36 6.57
C ALA A 262 -11.84 -10.47 5.98
N GLU A 263 -11.92 -10.66 4.66
CA GLU A 263 -11.15 -11.70 3.94
C GLU A 263 -9.69 -11.36 4.04
N TYR A 264 -9.33 -10.07 3.92
CA TYR A 264 -7.90 -9.75 3.99
C TYR A 264 -7.37 -10.02 5.40
N GLU A 265 -8.15 -9.66 6.40
CA GLU A 265 -7.74 -9.94 7.80
C GLU A 265 -7.53 -11.46 7.98
N LYS A 266 -8.41 -12.28 7.44
CA LYS A 266 -8.26 -13.77 7.52
C LYS A 266 -6.93 -14.17 6.89
N LYS A 267 -6.57 -13.55 5.76
CA LYS A 267 -5.32 -13.87 5.04
C LYS A 267 -4.09 -13.59 5.91
N ILE A 268 -4.03 -12.43 6.54
CA ILE A 268 -2.95 -12.10 7.51
C ILE A 268 -2.95 -13.19 8.62
N ALA A 269 -4.09 -13.45 9.25
CA ALA A 269 -4.21 -14.37 10.42
C ALA A 269 -3.63 -15.75 10.05
N GLY A 270 -3.97 -16.31 8.90
CA GLY A 270 -3.42 -17.57 8.34
C GLY A 270 -1.92 -17.50 8.18
N TYR A 271 -1.43 -16.45 7.52
CA TYR A 271 0.01 -16.29 7.27
C TYR A 271 0.76 -16.26 8.61
N VAL A 272 0.29 -15.49 9.59
CA VAL A 272 0.94 -15.32 10.92
C VAL A 272 0.91 -16.67 11.68
N SER A 273 -0.28 -17.28 11.73
CA SER A 273 -0.59 -18.63 12.30
C SER A 273 0.47 -19.66 11.89
N LYS A 274 0.66 -19.87 10.59
CA LYS A 274 1.60 -20.89 10.02
C LYS A 274 2.98 -20.74 10.68
N ARG A 275 3.45 -19.52 10.90
CA ARG A 275 4.87 -19.24 11.25
C ARG A 275 5.07 -19.03 12.75
N LEU A 276 4.03 -19.11 13.61
CA LEU A 276 4.16 -18.77 15.05
C LEU A 276 4.36 -20.04 15.88
C1 PEG B . -25.88 -0.52 0.87
O1 PEG B . -24.49 -0.21 0.87
C2 PEG B . -26.20 -1.86 1.51
O2 PEG B . -26.82 -2.80 0.63
C3 PEG B . -25.97 -3.62 -0.21
C4 PEG B . -26.64 -4.95 -0.57
O4 PEG B . -25.83 -6.14 -0.22
C1 GOL C . -15.51 5.17 -12.73
O1 GOL C . -15.55 4.68 -11.38
C2 GOL C . -16.67 4.64 -13.56
O2 GOL C . -16.38 4.83 -14.95
C3 GOL C . -17.99 5.29 -13.23
O3 GOL C . -18.34 5.10 -11.87
#